data_5UM7
#
_entry.id   5UM7
#
_cell.length_a   49.250
_cell.length_b   49.320
_cell.length_c   196.540
_cell.angle_alpha   90.00
_cell.angle_beta   90.00
_cell.angle_gamma   90.00
#
_symmetry.space_group_name_H-M   'C 2 2 21'
#
loop_
_entity.id
_entity.type
_entity.pdbx_description
1 polymer 'Thioredoxin signature protein'
2 non-polymer 'ACETATE ION'
3 water water
#
_entity_poly.entity_id   1
_entity_poly.type   'polypeptide(L)'
_entity_poly.pdbx_seq_one_letter_code
;MLKEKWWLPFLTVGVILVAVFALFYIAGPNRHNKGSTQKDGSSAVEHELTGQQLPEFEMVDQAGYQKKSAEFYNKPMLVV
EWASWCPDCQKQLPEIQKVYEKYKGKIHFVMLDMLDSKRETKERADQYISEKDYTFPYYYDTDERAADILHVQSIPTIYL
VDKNQKVKKVMTDFHDEAALEKQLEEI
;
_entity_poly.pdbx_strand_id   A,B
#
# COMPACT_ATOMS: atom_id res chain seq x y z
N HIS A 47 -20.69 -15.18 -12.17
CA HIS A 47 -20.24 -15.30 -13.55
C HIS A 47 -20.03 -13.93 -14.20
N GLU A 48 -21.03 -13.05 -14.05
CA GLU A 48 -21.14 -11.84 -14.88
C GLU A 48 -19.84 -11.05 -14.96
N LEU A 49 -19.04 -11.04 -13.90
CA LEU A 49 -17.81 -10.27 -13.90
C LEU A 49 -16.62 -11.02 -14.50
N THR A 50 -16.73 -12.32 -14.73
CA THR A 50 -15.63 -13.10 -15.27
C THR A 50 -15.23 -12.63 -16.66
N GLY A 51 -14.04 -12.05 -16.79
CA GLY A 51 -13.61 -11.48 -18.03
C GLY A 51 -13.98 -10.02 -18.22
N GLN A 52 -14.02 -9.25 -17.14
CA GLN A 52 -14.50 -7.88 -17.18
C GLN A 52 -13.63 -7.01 -16.28
N GLN A 53 -13.51 -5.74 -16.64
CA GLN A 53 -12.82 -4.79 -15.79
C GLN A 53 -13.52 -4.67 -14.44
N LEU A 54 -12.75 -4.42 -13.40
CA LEU A 54 -13.31 -4.34 -12.06
C LEU A 54 -14.26 -3.15 -11.95
N PRO A 55 -15.48 -3.35 -11.45
CA PRO A 55 -16.34 -2.20 -11.17
C PRO A 55 -15.75 -1.35 -10.05
N GLU A 56 -15.98 -0.05 -10.14
CA GLU A 56 -15.45 0.86 -9.16
C GLU A 56 -16.19 0.71 -7.83
N PHE A 57 -15.43 0.54 -6.75
CA PHE A 57 -15.99 0.47 -5.40
C PHE A 57 -14.98 1.04 -4.43
N GLU A 58 -15.42 1.25 -3.19
CA GLU A 58 -14.60 1.84 -2.15
C GLU A 58 -14.65 0.97 -0.91
N MET A 59 -13.86 1.35 0.09
CA MET A 59 -13.77 0.58 1.33
CA MET A 59 -13.77 0.58 1.33
C MET A 59 -13.21 1.47 2.43
N VAL A 60 -13.38 1.02 3.67
CA VAL A 60 -12.89 1.73 4.84
C VAL A 60 -11.84 0.84 5.50
N ASP A 61 -10.62 1.35 5.64
CA ASP A 61 -9.52 0.59 6.19
C ASP A 61 -9.51 0.74 7.71
N GLN A 62 -8.35 0.52 8.32
CA GLN A 62 -8.24 0.57 9.78
C GLN A 62 -7.99 1.99 10.29
N ALA A 63 -7.15 2.76 9.60
CA ALA A 63 -6.82 4.12 10.02
C ALA A 63 -7.97 5.11 9.86
N GLY A 64 -9.20 4.68 9.61
CA GLY A 64 -10.29 5.58 9.33
C GLY A 64 -10.36 6.07 7.90
N TYR A 65 -9.36 5.77 7.08
CA TYR A 65 -9.31 6.18 5.69
C TYR A 65 -10.43 5.53 4.89
N GLN A 66 -10.80 6.18 3.79
CA GLN A 66 -11.71 5.62 2.80
C GLN A 66 -10.93 5.42 1.51
N LYS A 67 -10.79 4.15 1.10
CA LYS A 67 -9.89 3.77 0.03
C LYS A 67 -10.65 3.49 -1.26
N LYS A 68 -9.99 3.80 -2.38
CA LYS A 68 -10.55 3.56 -3.72
CA LYS A 68 -10.56 3.56 -3.70
C LYS A 68 -10.00 2.27 -4.30
N SER A 69 -10.83 1.59 -5.09
CA SER A 69 -10.41 0.33 -5.70
C SER A 69 -9.42 0.50 -6.83
N ALA A 70 -9.23 1.73 -7.33
CA ALA A 70 -8.34 1.96 -8.46
C ALA A 70 -7.02 2.60 -8.05
N GLU A 71 -6.86 3.03 -6.80
CA GLU A 71 -5.63 3.65 -6.34
C GLU A 71 -4.60 2.63 -5.84
N PHE A 72 -4.65 1.40 -6.35
CA PHE A 72 -3.59 0.42 -6.13
C PHE A 72 -3.52 -0.46 -7.36
N TYR A 73 -2.31 -0.69 -7.85
CA TYR A 73 -2.11 -1.33 -9.15
C TYR A 73 -0.72 -1.95 -9.18
N ASN A 74 -0.37 -2.54 -10.33
CA ASN A 74 0.88 -3.19 -10.70
C ASN A 74 0.96 -4.61 -10.16
N LYS A 75 -0.02 -5.05 -9.37
CA LYS A 75 -0.02 -6.38 -8.77
C LYS A 75 -1.34 -7.07 -9.06
N PRO A 76 -1.32 -8.39 -9.24
CA PRO A 76 -2.58 -9.13 -9.31
C PRO A 76 -3.35 -9.01 -8.00
N MET A 77 -4.66 -8.81 -8.12
CA MET A 77 -5.51 -8.50 -6.98
C MET A 77 -6.36 -9.71 -6.61
N LEU A 78 -6.63 -9.86 -5.32
CA LEU A 78 -7.43 -10.97 -4.79
C LEU A 78 -8.52 -10.37 -3.90
N VAL A 79 -9.67 -10.09 -4.49
CA VAL A 79 -10.80 -9.52 -3.77
C VAL A 79 -11.62 -10.66 -3.18
N VAL A 80 -11.76 -10.68 -1.85
CA VAL A 80 -12.54 -11.69 -1.15
C VAL A 80 -13.57 -10.99 -0.27
N GLU A 81 -14.84 -11.28 -0.52
CA GLU A 81 -15.93 -10.74 0.28
C GLU A 81 -16.27 -11.73 1.40
N TRP A 82 -16.08 -11.31 2.65
CA TRP A 82 -16.20 -12.23 3.78
C TRP A 82 -16.93 -11.55 4.93
N ALA A 83 -17.35 -12.38 5.88
CA ALA A 83 -17.96 -11.91 7.13
C ALA A 83 -17.68 -12.92 8.22
N SER A 84 -17.47 -12.42 9.44
CA SER A 84 -16.98 -13.28 10.52
C SER A 84 -18.00 -14.33 10.92
N TRP A 85 -19.29 -13.99 10.90
CA TRP A 85 -20.31 -14.92 11.33
C TRP A 85 -20.48 -16.10 10.38
N CYS A 86 -19.97 -15.99 9.15
CA CYS A 86 -20.23 -16.98 8.12
C CYS A 86 -19.38 -18.22 8.34
N PRO A 87 -19.98 -19.43 8.30
CA PRO A 87 -19.17 -20.64 8.50
C PRO A 87 -18.20 -20.90 7.37
N ASP A 88 -18.61 -20.66 6.12
CA ASP A 88 -17.71 -20.86 4.99
C ASP A 88 -16.58 -19.83 4.99
N CYS A 89 -16.86 -18.61 5.42
CA CYS A 89 -15.80 -17.60 5.54
C CYS A 89 -14.79 -18.02 6.61
N GLN A 90 -15.26 -18.61 7.70
CA GLN A 90 -14.37 -19.06 8.75
C GLN A 90 -13.55 -20.28 8.34
N LYS A 91 -13.94 -20.97 7.28
CA LYS A 91 -13.19 -22.11 6.78
C LYS A 91 -12.20 -21.73 5.69
N GLN A 92 -12.53 -20.73 4.88
CA GLN A 92 -11.67 -20.33 3.75
C GLN A 92 -10.63 -19.30 4.14
N LEU A 93 -10.96 -18.39 5.06
CA LEU A 93 -10.01 -17.37 5.46
C LEU A 93 -8.70 -17.92 6.04
N PRO A 94 -8.68 -19.01 6.82
CA PRO A 94 -7.38 -19.55 7.23
C PRO A 94 -6.49 -19.92 6.05
N GLU A 95 -7.07 -20.44 4.97
CA GLU A 95 -6.29 -20.73 3.78
C GLU A 95 -5.75 -19.46 3.13
N ILE A 96 -6.60 -18.43 3.03
CA ILE A 96 -6.17 -17.15 2.48
C ILE A 96 -5.06 -16.54 3.34
N GLN A 97 -5.09 -16.80 4.64
CA GLN A 97 -4.00 -16.35 5.50
C GLN A 97 -2.69 -17.00 5.07
N LYS A 98 -2.72 -18.29 4.74
CA LYS A 98 -1.52 -18.96 4.25
C LYS A 98 -1.11 -18.42 2.89
N VAL A 99 -2.09 -18.12 2.03
CA VAL A 99 -1.79 -17.54 0.72
C VAL A 99 -1.14 -16.17 0.90
N TYR A 100 -1.57 -15.41 1.90
CA TYR A 100 -1.02 -14.08 2.11
C TYR A 100 0.45 -14.13 2.50
N GLU A 101 0.79 -14.94 3.50
CA GLU A 101 2.17 -14.98 3.97
C GLU A 101 3.13 -15.53 2.92
N LYS A 102 2.62 -16.20 1.90
CA LYS A 102 3.46 -16.64 0.79
C LYS A 102 3.57 -15.58 -0.30
N TYR A 103 2.44 -15.06 -0.76
CA TYR A 103 2.42 -14.13 -1.89
C TYR A 103 2.39 -12.67 -1.45
N LYS A 104 2.84 -12.37 -0.23
CA LYS A 104 3.12 -10.99 0.15
C LYS A 104 4.55 -10.59 -0.17
N GLY A 105 5.27 -11.43 -0.91
CA GLY A 105 6.58 -11.11 -1.42
C GLY A 105 6.71 -11.50 -2.88
N LYS A 106 5.55 -11.74 -3.51
CA LYS A 106 5.51 -12.18 -4.90
C LYS A 106 4.49 -11.39 -5.71
N ILE A 107 3.22 -11.45 -5.32
CA ILE A 107 2.16 -10.82 -6.11
C ILE A 107 1.37 -9.83 -5.27
N HIS A 108 1.33 -10.02 -3.95
CA HIS A 108 0.69 -9.09 -3.02
C HIS A 108 -0.78 -8.81 -3.33
N PHE A 109 -1.30 -7.72 -2.77
CA PHE A 109 -2.64 -7.20 -3.02
C PHE A 109 -3.74 -8.16 -2.59
N VAL A 110 -4.11 -8.10 -1.32
CA VAL A 110 -5.26 -8.83 -0.79
C VAL A 110 -6.32 -7.80 -0.39
N MET A 111 -7.40 -7.75 -1.14
CA MET A 111 -8.49 -6.81 -0.88
C MET A 111 -9.62 -7.59 -0.22
N LEU A 112 -9.78 -7.40 1.08
CA LEU A 112 -10.72 -8.19 1.88
C LEU A 112 -11.81 -7.28 2.40
N ASP A 113 -12.98 -7.34 1.77
CA ASP A 113 -14.14 -6.54 2.16
C ASP A 113 -15.00 -7.31 3.16
N MET A 114 -15.75 -6.57 3.96
CA MET A 114 -16.58 -7.16 5.00
C MET A 114 -17.98 -6.56 4.99
N LEU A 115 -18.97 -7.42 5.15
CA LEU A 115 -20.36 -7.00 5.07
C LEU A 115 -20.84 -6.36 6.37
N ASP A 116 -21.80 -5.46 6.24
CA ASP A 116 -22.28 -4.62 7.34
C ASP A 116 -23.81 -4.65 7.34
N SER A 117 -24.45 -4.25 8.45
CA SER A 117 -23.84 -3.80 9.71
C SER A 117 -24.67 -4.27 10.90
N LYS A 118 -25.49 -5.30 10.68
CA LYS A 118 -26.39 -5.81 11.72
C LYS A 118 -25.86 -7.12 12.29
N ARG A 119 -25.92 -8.21 11.51
CA ARG A 119 -25.35 -9.47 11.96
C ARG A 119 -23.84 -9.41 12.10
N GLU A 120 -23.19 -8.49 11.39
CA GLU A 120 -21.75 -8.30 11.45
CA GLU A 120 -21.74 -8.30 11.46
C GLU A 120 -21.45 -6.85 11.78
N THR A 121 -20.74 -6.61 12.88
CA THR A 121 -20.37 -5.28 13.31
C THR A 121 -18.86 -5.11 13.26
N LYS A 122 -18.40 -3.87 13.46
CA LYS A 122 -16.97 -3.60 13.43
C LYS A 122 -16.27 -4.24 14.63
N GLU A 123 -16.91 -4.23 15.80
CA GLU A 123 -16.31 -4.85 16.98
C GLU A 123 -16.28 -6.37 16.84
N ARG A 124 -17.37 -6.96 16.38
CA ARG A 124 -17.36 -8.39 16.07
C ARG A 124 -16.37 -8.72 14.96
N ALA A 125 -15.99 -7.73 14.16
CA ALA A 125 -15.00 -7.92 13.11
C ALA A 125 -13.58 -7.92 13.65
N ASP A 126 -13.21 -6.82 14.32
CA ASP A 126 -11.84 -6.68 14.82
C ASP A 126 -11.46 -7.81 15.76
N GLN A 127 -12.43 -8.34 16.52
CA GLN A 127 -12.14 -9.46 17.42
C GLN A 127 -11.82 -10.71 16.62
N TYR A 128 -12.69 -11.07 15.67
CA TYR A 128 -12.50 -12.30 14.89
C TYR A 128 -11.14 -12.31 14.19
N ILE A 129 -10.68 -11.14 13.73
CA ILE A 129 -9.35 -11.06 13.14
C ILE A 129 -8.27 -11.29 14.20
N SER A 130 -8.49 -10.78 15.41
CA SER A 130 -7.48 -10.88 16.45
C SER A 130 -7.41 -12.26 17.08
N GLU A 131 -8.57 -12.90 17.31
CA GLU A 131 -8.58 -14.24 17.90
C GLU A 131 -7.85 -15.23 17.01
N LYS A 132 -8.18 -15.23 15.72
CA LYS A 132 -7.49 -16.10 14.77
C LYS A 132 -6.10 -15.61 14.41
N ASP A 133 -5.71 -14.42 14.89
CA ASP A 133 -4.42 -13.81 14.57
C ASP A 133 -4.20 -13.76 13.07
N TYR A 134 -4.83 -12.81 12.40
CA TYR A 134 -4.73 -12.67 10.96
C TYR A 134 -3.75 -11.55 10.61
N THR A 135 -2.89 -11.81 9.63
CA THR A 135 -1.81 -10.91 9.27
C THR A 135 -2.08 -10.15 7.98
N PHE A 136 -3.20 -10.41 7.31
CA PHE A 136 -3.48 -9.70 6.07
C PHE A 136 -4.13 -8.35 6.36
N PRO A 137 -4.01 -7.40 5.44
CA PRO A 137 -4.81 -6.17 5.55
C PRO A 137 -6.25 -6.44 5.15
N TYR A 138 -7.18 -6.00 5.99
CA TYR A 138 -8.60 -6.13 5.71
C TYR A 138 -9.25 -4.75 5.76
N TYR A 139 -10.44 -4.66 5.17
CA TYR A 139 -11.16 -3.41 5.05
C TYR A 139 -12.61 -3.62 5.48
N TYR A 140 -13.39 -2.54 5.41
CA TYR A 140 -14.81 -2.56 5.76
C TYR A 140 -15.61 -2.12 4.55
N ASP A 141 -16.27 -3.08 3.88
CA ASP A 141 -17.26 -2.76 2.88
C ASP A 141 -18.47 -2.16 3.58
N THR A 142 -18.54 -0.84 3.63
CA THR A 142 -19.57 -0.15 4.38
C THR A 142 -20.96 -0.50 3.85
N ASP A 143 -21.80 -1.05 4.72
CA ASP A 143 -23.19 -1.39 4.41
C ASP A 143 -23.29 -2.30 3.18
N GLU A 144 -22.28 -3.14 2.97
CA GLU A 144 -22.23 -4.08 1.84
C GLU A 144 -22.35 -3.35 0.50
N ARG A 145 -21.81 -2.13 0.42
CA ARG A 145 -21.94 -1.36 -0.81
C ARG A 145 -21.08 -1.94 -1.93
N ALA A 146 -19.84 -2.33 -1.61
CA ALA A 146 -18.99 -2.95 -2.63
C ALA A 146 -19.52 -4.32 -3.03
N ALA A 147 -20.10 -5.05 -2.08
CA ALA A 147 -20.70 -6.34 -2.41
C ALA A 147 -21.89 -6.16 -3.35
N ASP A 148 -22.71 -5.14 -3.11
CA ASP A 148 -23.79 -4.82 -4.02
C ASP A 148 -23.24 -4.46 -5.40
N ILE A 149 -22.10 -3.79 -5.44
CA ILE A 149 -21.47 -3.46 -6.72
C ILE A 149 -20.85 -4.71 -7.35
N LEU A 150 -20.16 -5.51 -6.55
CA LEU A 150 -19.56 -6.75 -7.02
C LEU A 150 -20.58 -7.86 -7.23
N HIS A 151 -21.86 -7.61 -6.98
CA HIS A 151 -22.92 -8.61 -7.14
C HIS A 151 -22.63 -9.85 -6.29
N VAL A 152 -22.32 -9.63 -5.02
CA VAL A 152 -22.03 -10.72 -4.09
C VAL A 152 -23.35 -11.25 -3.56
N GLN A 153 -23.69 -12.49 -3.92
CA GLN A 153 -24.89 -13.14 -3.44
C GLN A 153 -24.61 -14.31 -2.50
N SER A 154 -23.34 -14.56 -2.20
CA SER A 154 -22.97 -15.62 -1.27
C SER A 154 -21.53 -15.40 -0.82
N ILE A 155 -21.28 -15.52 0.47
CA ILE A 155 -19.94 -15.28 1.01
C ILE A 155 -19.36 -16.60 1.53
N PRO A 156 -18.05 -16.83 1.39
CA PRO A 156 -17.13 -15.89 0.73
C PRO A 156 -17.17 -15.96 -0.78
N THR A 157 -16.76 -14.87 -1.43
CA THR A 157 -16.63 -14.80 -2.88
C THR A 157 -15.24 -14.26 -3.20
N ILE A 158 -14.46 -15.03 -3.94
CA ILE A 158 -13.07 -14.71 -4.24
C ILE A 158 -12.97 -14.28 -5.70
N TYR A 159 -12.40 -13.11 -5.93
CA TYR A 159 -12.21 -12.57 -7.27
C TYR A 159 -10.73 -12.64 -7.62
N LEU A 160 -10.39 -13.44 -8.63
CA LEU A 160 -9.02 -13.55 -9.13
C LEU A 160 -8.82 -12.47 -10.18
N VAL A 161 -8.01 -11.47 -9.86
CA VAL A 161 -7.80 -10.30 -10.71
C VAL A 161 -6.38 -10.34 -11.26
N ASP A 162 -6.26 -10.16 -12.58
CA ASP A 162 -4.95 -10.13 -13.21
C ASP A 162 -4.27 -8.80 -12.93
N LYS A 163 -3.05 -8.64 -13.46
CA LYS A 163 -2.25 -7.45 -13.18
C LYS A 163 -2.94 -6.18 -13.65
N ASN A 164 -3.67 -6.24 -14.73
CA ASN A 164 -4.34 -5.10 -15.35
C ASN A 164 -5.78 -4.85 -14.91
N GLN A 165 -6.13 -5.39 -13.74
CA GLN A 165 -7.45 -5.16 -13.15
C GLN A 165 -8.58 -5.70 -14.02
N LYS A 166 -8.40 -6.91 -14.55
CA LYS A 166 -9.46 -7.63 -15.24
C LYS A 166 -9.82 -8.89 -14.46
N VAL A 167 -11.09 -9.04 -14.12
CA VAL A 167 -11.54 -10.21 -13.39
C VAL A 167 -11.34 -11.44 -14.25
N LYS A 168 -10.51 -12.37 -13.78
CA LYS A 168 -10.23 -13.60 -14.51
C LYS A 168 -11.02 -14.80 -14.04
N LYS A 169 -11.32 -14.88 -12.74
CA LYS A 169 -12.02 -16.04 -12.21
C LYS A 169 -12.71 -15.66 -10.90
N VAL A 170 -13.99 -15.98 -10.79
CA VAL A 170 -14.77 -15.76 -9.58
C VAL A 170 -15.05 -17.12 -8.97
N MET A 171 -14.61 -17.32 -7.73
CA MET A 171 -14.69 -18.61 -7.06
C MET A 171 -15.51 -18.48 -5.79
N THR A 172 -16.66 -19.16 -5.76
CA THR A 172 -17.51 -19.19 -4.58
C THR A 172 -17.37 -20.47 -3.78
N ASP A 173 -16.78 -21.51 -4.35
CA ASP A 173 -16.55 -22.77 -3.66
C ASP A 173 -15.24 -22.72 -2.86
N PHE A 174 -15.05 -23.74 -2.03
CA PHE A 174 -13.89 -23.76 -1.13
C PHE A 174 -12.63 -24.15 -1.88
N HIS A 175 -11.57 -23.36 -1.71
CA HIS A 175 -10.25 -23.66 -2.25
C HIS A 175 -9.25 -23.49 -1.12
N ASP A 176 -8.62 -24.58 -0.70
CA ASP A 176 -7.57 -24.46 0.30
C ASP A 176 -6.33 -23.83 -0.34
N GLU A 177 -5.27 -23.69 0.45
CA GLU A 177 -4.11 -22.92 0.03
C GLU A 177 -3.57 -23.40 -1.32
N ALA A 178 -3.26 -24.69 -1.43
CA ALA A 178 -2.67 -25.22 -2.66
C ALA A 178 -3.56 -24.93 -3.86
N ALA A 179 -4.88 -25.06 -3.70
CA ALA A 179 -5.79 -24.67 -4.77
C ALA A 179 -5.70 -23.16 -5.03
N LEU A 180 -5.57 -22.37 -3.97
CA LEU A 180 -5.41 -20.93 -4.15
C LEU A 180 -4.05 -20.59 -4.72
N GLU A 181 -3.00 -21.31 -4.30
CA GLU A 181 -1.69 -21.14 -4.92
C GLU A 181 -1.74 -21.48 -6.41
N LYS A 182 -2.44 -22.55 -6.76
CA LYS A 182 -2.51 -22.98 -8.15
C LYS A 182 -3.33 -22.01 -9.00
N GLN A 183 -4.44 -21.53 -8.45
CA GLN A 183 -5.30 -20.61 -9.21
C GLN A 183 -4.57 -19.32 -9.55
N LEU A 184 -3.73 -18.83 -8.63
CA LEU A 184 -2.93 -17.65 -8.93
C LEU A 184 -1.93 -17.93 -10.05
N GLU A 185 -1.35 -19.13 -10.05
CA GLU A 185 -0.42 -19.50 -11.11
C GLU A 185 -1.14 -19.65 -12.45
N GLU A 186 -2.39 -20.12 -12.43
CA GLU A 186 -3.18 -20.27 -13.65
C GLU A 186 -4.24 -19.18 -13.75
N GLU B 46 23.69 23.11 8.74
CA GLU B 46 22.64 22.36 8.06
C GLU B 46 23.21 21.10 7.40
N HIS B 47 22.38 20.43 6.60
CA HIS B 47 22.73 19.11 6.09
C HIS B 47 23.82 19.21 5.02
N GLU B 48 24.48 18.07 4.80
CA GLU B 48 25.56 17.98 3.82
C GLU B 48 25.15 18.53 2.46
N LEU B 49 23.90 18.33 2.07
CA LEU B 49 23.47 18.48 0.69
C LEU B 49 22.71 19.77 0.40
N THR B 50 22.47 20.61 1.40
CA THR B 50 21.64 21.79 1.21
C THR B 50 22.28 22.76 0.23
N GLY B 51 21.49 23.23 -0.74
CA GLY B 51 21.95 24.18 -1.74
C GLY B 51 22.66 23.57 -2.92
N GLN B 52 22.88 22.25 -2.93
CA GLN B 52 23.60 21.58 -4.00
C GLN B 52 22.63 20.75 -4.85
N GLN B 53 23.12 20.33 -6.01
CA GLN B 53 22.33 19.49 -6.90
C GLN B 53 22.04 18.15 -6.25
N LEU B 54 20.82 17.67 -6.43
CA LEU B 54 20.44 16.37 -5.92
C LEU B 54 21.30 15.29 -6.56
N PRO B 55 22.08 14.53 -5.79
CA PRO B 55 22.93 13.51 -6.38
C PRO B 55 22.13 12.43 -7.11
N GLU B 56 22.83 11.69 -7.95
CA GLU B 56 22.22 10.69 -8.83
C GLU B 56 22.24 9.34 -8.13
N PHE B 57 21.08 8.88 -7.70
CA PHE B 57 20.94 7.62 -6.98
C PHE B 57 20.01 6.69 -7.74
N GLU B 58 20.09 5.41 -7.39
CA GLU B 58 19.29 4.36 -8.03
C GLU B 58 18.19 3.89 -7.10
N MET B 59 17.18 3.25 -7.69
CA MET B 59 16.06 2.70 -6.95
C MET B 59 15.31 1.74 -7.86
N VAL B 60 14.79 0.66 -7.28
CA VAL B 60 14.00 -0.33 -8.00
C VAL B 60 12.53 -0.11 -7.65
N ASP B 61 11.67 -0.09 -8.67
CA ASP B 61 10.27 0.26 -8.50
C ASP B 61 9.43 -1.00 -8.23
N GLN B 62 8.13 -0.80 -8.07
CA GLN B 62 7.23 -1.90 -7.76
C GLN B 62 7.00 -2.82 -8.96
N ALA B 63 7.36 -2.37 -10.17
CA ALA B 63 7.34 -3.25 -11.32
C ALA B 63 8.59 -4.14 -11.38
N GLY B 64 9.68 -3.71 -10.76
CA GLY B 64 10.92 -4.48 -10.72
C GLY B 64 12.11 -3.81 -11.39
N TYR B 65 11.96 -2.63 -11.97
CA TYR B 65 13.02 -1.99 -12.73
C TYR B 65 13.84 -1.07 -11.84
N GLN B 66 15.17 -1.18 -11.93
CA GLN B 66 16.07 -0.31 -11.18
C GLN B 66 16.19 1.02 -11.91
N LYS B 67 15.36 1.97 -11.51
CA LYS B 67 15.32 3.28 -12.14
C LYS B 67 16.42 4.18 -11.59
N LYS B 68 16.69 5.25 -12.32
CA LYS B 68 17.70 6.24 -11.94
C LYS B 68 17.03 7.52 -11.48
N SER B 69 17.68 8.22 -10.54
CA SER B 69 17.11 9.46 -10.05
C SER B 69 17.06 10.53 -11.13
N ALA B 70 17.93 10.46 -12.14
CA ALA B 70 17.95 11.49 -13.17
C ALA B 70 16.71 11.45 -14.07
N GLU B 71 15.97 10.35 -14.05
CA GLU B 71 14.79 10.20 -14.91
C GLU B 71 13.55 10.82 -14.29
N PHE B 72 13.69 12.05 -13.79
CA PHE B 72 12.57 12.80 -13.23
C PHE B 72 12.71 14.25 -13.67
N TYR B 73 11.64 14.80 -14.24
CA TYR B 73 11.70 16.08 -14.93
C TYR B 73 10.51 16.95 -14.52
N ASN B 74 10.59 18.22 -14.91
CA ASN B 74 9.51 19.19 -14.79
C ASN B 74 9.17 19.55 -13.35
N LYS B 75 8.91 18.55 -12.54
CA LYS B 75 8.34 18.83 -11.23
C LYS B 75 9.40 18.78 -10.14
N PRO B 76 9.29 19.64 -9.11
CA PRO B 76 10.04 19.40 -7.88
C PRO B 76 9.62 18.08 -7.26
N MET B 77 10.45 17.58 -6.35
CA MET B 77 10.25 16.24 -5.83
C MET B 77 10.50 16.19 -4.32
N LEU B 78 9.75 15.32 -3.65
CA LEU B 78 9.90 15.04 -2.23
C LEU B 78 10.57 13.67 -2.11
N VAL B 79 11.79 13.65 -1.59
CA VAL B 79 12.57 12.42 -1.43
C VAL B 79 12.57 12.03 0.03
N VAL B 80 12.24 10.77 0.32
CA VAL B 80 12.14 10.28 1.69
C VAL B 80 12.82 8.93 1.77
N GLU B 81 13.83 8.81 2.63
CA GLU B 81 14.34 7.51 3.06
C GLU B 81 13.58 7.11 4.32
N TRP B 82 13.25 5.82 4.41
CA TRP B 82 12.36 5.38 5.47
C TRP B 82 12.56 3.89 5.74
N ALA B 83 11.89 3.41 6.79
CA ALA B 83 11.86 2.00 7.11
C ALA B 83 10.52 1.69 7.78
N SER B 84 10.16 0.41 7.77
CA SER B 84 8.89 0.00 8.36
C SER B 84 8.96 -0.22 9.86
N TRP B 85 10.18 -0.32 10.42
CA TRP B 85 10.36 -0.55 11.84
C TRP B 85 10.59 0.73 12.64
N CYS B 86 10.98 1.81 11.97
CA CYS B 86 11.35 3.04 12.68
C CYS B 86 10.12 3.70 13.30
N PRO B 87 10.10 3.92 14.62
CA PRO B 87 8.95 4.62 15.21
C PRO B 87 8.76 6.03 14.68
N ASP B 88 9.85 6.72 14.35
CA ASP B 88 9.73 8.05 13.76
C ASP B 88 9.23 8.00 12.32
N CYS B 89 9.40 6.87 11.63
CA CYS B 89 8.85 6.71 10.28
C CYS B 89 7.37 6.37 10.34
N GLN B 90 6.95 5.57 11.33
CA GLN B 90 5.55 5.25 11.48
C GLN B 90 4.71 6.46 11.86
N LYS B 91 5.35 7.54 12.32
CA LYS B 91 4.67 8.78 12.65
C LYS B 91 4.80 9.83 11.55
N GLN B 92 5.89 9.79 10.77
CA GLN B 92 6.14 10.77 9.72
C GLN B 92 5.44 10.40 8.41
N LEU B 93 5.43 9.12 8.06
CA LEU B 93 4.81 8.71 6.79
C LEU B 93 3.31 8.98 6.73
N PRO B 94 2.51 8.77 7.79
CA PRO B 94 1.10 9.15 7.70
C PRO B 94 0.88 10.63 7.42
N GLU B 95 1.82 11.48 7.82
CA GLU B 95 1.73 12.90 7.49
C GLU B 95 2.17 13.19 6.06
N ILE B 96 2.91 12.27 5.43
CA ILE B 96 3.19 12.38 4.01
C ILE B 96 2.02 11.88 3.19
N GLN B 97 1.26 10.92 3.72
CA GLN B 97 0.09 10.40 3.01
C GLN B 97 -0.95 11.49 2.80
N LYS B 98 -1.16 12.35 3.80
CA LYS B 98 -2.14 13.43 3.65
C LYS B 98 -1.64 14.48 2.66
N VAL B 99 -0.34 14.74 2.64
CA VAL B 99 0.22 15.69 1.67
C VAL B 99 0.21 15.08 0.27
N TYR B 100 0.49 13.77 0.17
CA TYR B 100 0.49 13.11 -1.13
C TYR B 100 -0.86 13.20 -1.81
N GLU B 101 -1.94 13.28 -1.02
CA GLU B 101 -3.28 13.34 -1.61
C GLU B 101 -3.48 14.61 -2.41
N LYS B 102 -3.16 15.77 -1.83
CA LYS B 102 -3.30 17.01 -2.57
C LYS B 102 -2.17 17.24 -3.56
N TYR B 103 -1.06 16.51 -3.44
CA TYR B 103 0.14 16.82 -4.19
C TYR B 103 0.61 15.67 -5.07
N LYS B 104 -0.25 14.68 -5.33
CA LYS B 104 0.10 13.64 -6.30
C LYS B 104 -0.05 14.16 -7.73
N GLY B 105 -1.20 14.76 -8.04
CA GLY B 105 -1.43 15.43 -9.30
C GLY B 105 -0.87 16.83 -9.38
N LYS B 106 -0.17 17.26 -8.33
CA LYS B 106 0.44 18.58 -8.30
C LYS B 106 1.76 18.58 -9.06
N ILE B 107 2.70 19.41 -8.62
CA ILE B 107 4.00 19.53 -9.26
C ILE B 107 5.04 18.83 -8.39
N HIS B 108 4.64 17.76 -7.71
CA HIS B 108 5.51 17.09 -6.75
C HIS B 108 5.67 15.62 -7.12
N PHE B 109 6.92 15.16 -7.13
CA PHE B 109 7.26 13.75 -7.31
C PHE B 109 7.59 13.16 -5.94
N VAL B 110 6.83 12.17 -5.52
CA VAL B 110 7.06 11.51 -4.24
C VAL B 110 8.02 10.35 -4.47
N MET B 111 9.22 10.46 -3.89
CA MET B 111 10.28 9.47 -4.03
C MET B 111 10.55 8.92 -2.63
N LEU B 112 9.74 7.94 -2.23
CA LEU B 112 9.86 7.35 -0.89
C LEU B 112 10.68 6.07 -1.01
N ASP B 113 11.98 6.20 -0.83
CA ASP B 113 12.92 5.09 -1.00
C ASP B 113 12.99 4.28 0.27
N MET B 114 12.71 2.98 0.17
CA MET B 114 12.74 2.12 1.33
C MET B 114 14.18 1.68 1.62
N LEU B 115 14.68 2.09 2.78
CA LEU B 115 15.96 1.56 3.26
C LEU B 115 15.82 0.08 3.52
N ASP B 116 16.74 -0.71 2.98
CA ASP B 116 16.66 -2.17 3.01
C ASP B 116 17.89 -2.73 3.71
N SER B 117 17.68 -3.35 4.88
CA SER B 117 18.75 -4.01 5.61
C SER B 117 18.31 -5.39 6.08
N LYS B 118 18.84 -5.84 7.22
CA LYS B 118 18.39 -7.10 7.80
C LYS B 118 17.05 -6.94 8.51
N ARG B 119 16.79 -5.77 9.08
CA ARG B 119 15.47 -5.46 9.63
C ARG B 119 14.48 -5.06 8.55
N GLU B 120 14.93 -4.88 7.30
CA GLU B 120 14.11 -4.34 6.23
C GLU B 120 14.24 -5.22 5.00
N THR B 121 13.46 -6.31 4.96
CA THR B 121 13.31 -7.05 3.73
C THR B 121 12.28 -6.37 2.84
N LYS B 122 12.17 -6.86 1.61
CA LYS B 122 11.13 -6.35 0.72
C LYS B 122 9.74 -6.71 1.24
N GLU B 123 9.58 -7.93 1.75
CA GLU B 123 8.29 -8.37 2.26
C GLU B 123 7.83 -7.53 3.44
N ARG B 124 8.77 -7.06 4.27
CA ARG B 124 8.41 -6.26 5.42
C ARG B 124 7.99 -4.85 5.02
N ALA B 125 8.66 -4.29 4.01
CA ALA B 125 8.28 -2.97 3.52
C ALA B 125 6.90 -3.01 2.84
N ASP B 126 6.69 -4.00 1.97
CA ASP B 126 5.42 -4.08 1.24
C ASP B 126 4.25 -4.30 2.19
N GLN B 127 4.43 -5.16 3.20
CA GLN B 127 3.34 -5.44 4.12
C GLN B 127 2.96 -4.21 4.93
N TYR B 128 3.94 -3.41 5.33
CA TYR B 128 3.65 -2.21 6.10
C TYR B 128 2.88 -1.20 5.26
N ILE B 129 3.23 -1.06 3.99
CA ILE B 129 2.48 -0.17 3.09
C ILE B 129 1.05 -0.66 2.93
N SER B 130 0.87 -1.99 2.81
CA SER B 130 -0.46 -2.55 2.62
C SER B 130 -1.31 -2.39 3.87
N GLU B 131 -0.74 -2.69 5.04
CA GLU B 131 -1.50 -2.57 6.28
C GLU B 131 -1.82 -1.13 6.62
N LYS B 132 -0.91 -0.20 6.28
CA LYS B 132 -1.19 1.22 6.47
C LYS B 132 -1.99 1.82 5.31
N ASP B 133 -2.22 1.05 4.25
CA ASP B 133 -3.04 1.47 3.12
C ASP B 133 -2.50 2.74 2.47
N TYR B 134 -1.17 2.86 2.44
CA TYR B 134 -0.55 3.98 1.76
C TYR B 134 -0.79 3.89 0.26
N THR B 135 -0.88 5.05 -0.38
CA THR B 135 -1.16 5.14 -1.81
C THR B 135 -0.03 5.77 -2.61
N PHE B 136 1.04 6.23 -1.96
CA PHE B 136 2.12 6.84 -2.73
C PHE B 136 3.02 5.76 -3.34
N PRO B 137 3.64 6.05 -4.48
CA PRO B 137 4.59 5.09 -5.07
C PRO B 137 5.90 5.10 -4.29
N TYR B 138 6.33 3.92 -3.85
CA TYR B 138 7.56 3.78 -3.07
C TYR B 138 8.52 2.86 -3.79
N TYR B 139 9.80 3.22 -3.75
CA TYR B 139 10.87 2.44 -4.34
C TYR B 139 11.71 1.80 -3.24
N TYR B 140 12.49 0.81 -3.61
CA TYR B 140 13.40 0.14 -2.69
C TYR B 140 14.81 0.67 -2.87
N ASP B 141 15.44 1.06 -1.76
CA ASP B 141 16.85 1.43 -1.75
C ASP B 141 17.64 0.17 -1.42
N THR B 142 17.97 -0.60 -2.45
CA THR B 142 18.68 -1.84 -2.27
C THR B 142 20.04 -1.60 -1.64
N ASP B 143 20.34 -2.31 -0.57
CA ASP B 143 21.64 -2.27 0.11
C ASP B 143 21.99 -0.87 0.60
N GLU B 144 20.99 -0.03 0.84
CA GLU B 144 21.20 1.34 1.35
C GLU B 144 22.14 2.14 0.43
N ARG B 145 22.01 1.95 -0.88
CA ARG B 145 22.87 2.68 -1.81
C ARG B 145 22.47 4.14 -1.92
N ALA B 146 21.20 4.41 -2.21
CA ALA B 146 20.74 5.79 -2.31
C ALA B 146 20.91 6.55 -1.00
N ALA B 147 20.79 5.85 0.13
CA ALA B 147 20.99 6.50 1.42
C ALA B 147 22.43 6.98 1.58
N ASP B 148 23.39 6.19 1.08
CA ASP B 148 24.78 6.62 1.12
C ASP B 148 25.03 7.76 0.14
N ILE B 149 24.48 7.66 -1.07
CA ILE B 149 24.64 8.72 -2.07
C ILE B 149 24.07 10.03 -1.56
N LEU B 150 22.88 9.99 -0.96
CA LEU B 150 22.29 11.18 -0.36
C LEU B 150 22.83 11.49 1.03
N HIS B 151 23.70 10.63 1.56
CA HIS B 151 24.30 10.82 2.89
C HIS B 151 23.23 10.90 3.97
N VAL B 152 22.32 9.93 3.97
CA VAL B 152 21.30 9.83 5.01
C VAL B 152 21.97 9.43 6.32
N GLN B 153 21.79 10.25 7.35
CA GLN B 153 22.38 10.01 8.67
C GLN B 153 21.35 9.48 9.67
N SER B 154 20.17 10.08 9.73
CA SER B 154 19.05 9.55 10.49
C SER B 154 17.99 9.04 9.52
N ILE B 155 17.32 7.97 9.90
CA ILE B 155 16.52 7.18 8.96
C ILE B 155 15.23 7.85 8.48
N PRO B 156 14.59 8.81 9.22
CA PRO B 156 13.40 9.44 8.64
C PRO B 156 13.72 10.73 7.91
N THR B 157 14.80 10.73 7.12
CA THR B 157 15.29 11.94 6.48
C THR B 157 14.43 12.31 5.28
N ILE B 158 14.04 13.58 5.20
CA ILE B 158 13.26 14.11 4.09
C ILE B 158 14.17 15.03 3.27
N TYR B 159 14.16 14.83 1.95
CA TYR B 159 14.90 15.68 1.03
C TYR B 159 13.92 16.49 0.19
N LEU B 160 14.22 17.77 -0.01
CA LEU B 160 13.37 18.67 -0.77
C LEU B 160 14.17 19.18 -1.96
N VAL B 161 13.68 18.89 -3.16
CA VAL B 161 14.35 19.22 -4.41
C VAL B 161 13.40 20.03 -5.27
N ASP B 162 13.86 21.18 -5.75
CA ASP B 162 13.04 22.04 -6.59
C ASP B 162 12.94 21.45 -8.01
N LYS B 163 12.27 22.20 -8.89
CA LYS B 163 12.06 21.74 -10.26
C LYS B 163 13.33 21.71 -11.10
N ASN B 164 14.47 22.10 -10.53
CA ASN B 164 15.72 22.18 -11.27
C ASN B 164 16.79 21.25 -10.68
N GLN B 165 16.35 20.18 -10.01
CA GLN B 165 17.27 19.17 -9.46
C GLN B 165 18.28 19.80 -8.50
N LYS B 166 17.78 20.56 -7.53
CA LYS B 166 18.64 21.21 -6.55
C LYS B 166 18.02 21.06 -5.17
N VAL B 167 18.82 20.59 -4.20
CA VAL B 167 18.35 20.41 -2.84
C VAL B 167 18.13 21.78 -2.21
N LYS B 168 16.99 21.95 -1.55
CA LYS B 168 16.63 23.20 -0.89
C LYS B 168 16.44 23.08 0.61
N LYS B 169 16.12 21.89 1.12
CA LYS B 169 15.88 21.71 2.55
C LYS B 169 15.93 20.23 2.90
N VAL B 170 16.66 19.87 3.96
CA VAL B 170 16.78 18.50 4.42
C VAL B 170 16.34 18.44 5.87
N MET B 171 15.27 17.69 6.13
CA MET B 171 14.72 17.53 7.46
C MET B 171 14.94 16.11 7.96
N THR B 172 15.03 15.96 9.28
CA THR B 172 15.31 14.66 9.89
C THR B 172 14.31 14.25 10.96
N ASP B 173 13.50 15.17 11.50
CA ASP B 173 12.54 14.86 12.55
CA ASP B 173 12.55 14.85 12.55
C ASP B 173 11.12 15.12 12.07
N PHE B 174 10.17 15.03 12.99
CA PHE B 174 8.75 15.08 12.67
C PHE B 174 8.38 16.37 11.95
N HIS B 175 7.38 16.25 11.07
CA HIS B 175 6.91 17.37 10.25
C HIS B 175 5.53 16.97 9.73
N ASP B 176 4.47 17.48 10.37
CA ASP B 176 3.13 17.02 10.08
C ASP B 176 2.67 17.52 8.71
N GLU B 177 1.42 17.17 8.36
CA GLU B 177 0.90 17.45 7.03
C GLU B 177 0.92 18.94 6.72
N ALA B 178 0.29 19.76 7.56
CA ALA B 178 0.26 21.19 7.31
C ALA B 178 1.66 21.79 7.34
N ALA B 179 2.56 21.22 8.14
CA ALA B 179 3.93 21.72 8.17
C ALA B 179 4.65 21.40 6.87
N LEU B 180 4.43 20.19 6.32
CA LEU B 180 5.04 19.84 5.05
C LEU B 180 4.59 20.78 3.94
N GLU B 181 3.31 21.16 3.95
CA GLU B 181 2.80 22.09 2.95
C GLU B 181 3.45 23.46 3.06
N LYS B 182 3.78 23.89 4.29
CA LYS B 182 4.46 25.16 4.47
C LYS B 182 5.83 25.14 3.81
N GLN B 183 6.60 24.08 4.05
CA GLN B 183 7.95 24.00 3.50
C GLN B 183 7.94 23.83 1.99
N LEU B 184 6.95 23.12 1.45
CA LEU B 184 6.89 22.84 0.02
C LEU B 184 6.12 23.89 -0.76
N GLU B 185 5.37 24.77 -0.07
CA GLU B 185 4.75 25.89 -0.77
C GLU B 185 5.81 26.86 -1.30
N GLU B 186 6.89 27.04 -0.55
CA GLU B 186 8.07 27.81 -0.95
C GLU B 186 7.77 29.28 -1.21
N ILE B 187 6.55 29.74 -0.92
CA ILE B 187 6.21 31.14 -1.17
C ILE B 187 6.77 32.02 -0.07
#